data_7ESQ
#
_entry.id   7ESQ
#
_cell.length_a   170.260
_cell.length_b   170.260
_cell.length_c   170.260
_cell.angle_alpha   90.000
_cell.angle_beta   90.000
_cell.angle_gamma   90.000
#
_symmetry.space_group_name_H-M   'I 21 3'
#
loop_
_entity.id
_entity.type
_entity.pdbx_description
1 polymer 'Packaging NTPase'
2 non-polymer 'MAGNESIUM ION'
3 non-polymer PYROPHOSPHATE
4 non-polymer DI(HYDROXYETHYL)ETHER
5 water water
#
_entity_poly.entity_id   1
_entity_poly.type   'polypeptide(L)'
_entity_poly.pdbx_seq_one_letter_code
;MTDNKRPQLKDKEPAAKPARTRKPKNETVALVVEATTEAEAKKSLREGGLVPAAHEIMIPVGNMILAVDTQVLDKCALAL
AASDDPGRWFAENESLIHSTVFAPVAKGLHRVYPLLSVRPEVPAGYEASWPTQDHMPGLHLVVGGTGAGKSSYLASQDLT
LVIRWGEPAERFDVEGATHAVSDLNEALAVAFVMARAGYRPAIDSFRNLVFGIESAAGEGGISTALYSAMTAINNVCSRL
GIVVMVVVNPMATEAKAELVYNNMAASVAGMTVLMDGAVSKQTVRTLSGRTWGVGKQPKAAVTEEVIPRATVVPQPSAVV
RNTRLESQTIDVSDDDLNNEPGRQGSRKHI
;
_entity_poly.pdbx_strand_id   A,B
#
loop_
_chem_comp.id
_chem_comp.type
_chem_comp.name
_chem_comp.formula
MG non-polymer 'MAGNESIUM ION' 'Mg 2'
PEG non-polymer DI(HYDROXYETHYL)ETHER 'C4 H10 O3'
PPV non-polymer PYROPHOSPHATE 'H4 O7 P2'
#
# COMPACT_ATOMS: atom_id res chain seq x y z
N THR A 28 8.15 0.78 -24.85
CA THR A 28 7.11 1.29 -23.97
C THR A 28 5.94 0.31 -23.91
N VAL A 29 5.16 0.36 -22.84
CA VAL A 29 4.02 -0.53 -22.66
C VAL A 29 2.75 0.17 -23.12
N ALA A 30 1.91 -0.55 -23.88
CA ALA A 30 0.62 0.02 -24.27
C ALA A 30 -0.29 0.11 -23.04
N LEU A 31 -0.88 1.29 -22.84
CA LEU A 31 -1.70 1.56 -21.66
C LEU A 31 -3.19 1.59 -21.96
N VAL A 32 -3.60 1.89 -23.19
CA VAL A 32 -5.03 2.02 -23.44
C VAL A 32 -5.48 1.40 -24.76
N VAL A 33 -4.59 1.27 -25.75
CA VAL A 33 -4.98 0.72 -27.05
C VAL A 33 -4.66 -0.77 -27.08
N GLU A 34 -5.69 -1.59 -27.20
CA GLU A 34 -5.55 -3.04 -27.26
C GLU A 34 -5.95 -3.56 -28.64
N ALA A 35 -5.61 -4.82 -28.88
CA ALA A 35 -5.86 -5.44 -30.18
C ALA A 35 -7.35 -5.53 -30.45
N THR A 36 -7.75 -5.19 -31.68
CA THR A 36 -9.12 -5.37 -32.13
C THR A 36 -9.21 -6.19 -33.41
N THR A 37 -8.09 -6.61 -33.99
CA THR A 37 -8.06 -7.49 -35.15
C THR A 37 -7.20 -8.69 -34.81
N GLU A 38 -7.38 -9.78 -35.58
CA GLU A 38 -6.59 -10.98 -35.33
C GLU A 38 -5.11 -10.73 -35.53
N ALA A 39 -4.76 -9.83 -36.46
CA ALA A 39 -3.34 -9.52 -36.69
C ALA A 39 -2.75 -8.81 -35.48
N GLU A 40 -3.47 -7.86 -34.91
CA GLU A 40 -3.00 -7.19 -33.70
C GLU A 40 -2.95 -8.14 -32.51
N ALA A 41 -3.88 -9.11 -32.44
CA ALA A 41 -3.93 -10.01 -31.30
C ALA A 41 -2.71 -10.89 -31.19
N LYS A 42 -2.03 -11.15 -32.31
CA LYS A 42 -0.83 -11.97 -32.28
C LYS A 42 0.38 -11.24 -31.74
N LYS A 43 0.28 -9.93 -31.50
CA LYS A 43 1.43 -9.17 -31.04
C LYS A 43 1.67 -9.42 -29.55
N SER A 44 2.77 -8.89 -29.05
CA SER A 44 3.17 -9.14 -27.66
C SER A 44 2.20 -8.48 -26.68
N LEU A 45 2.26 -8.93 -25.42
CA LEU A 45 1.45 -8.32 -24.38
C LEU A 45 1.83 -6.85 -24.20
N ARG A 46 3.12 -6.55 -24.24
CA ARG A 46 3.60 -5.17 -24.16
C ARG A 46 2.91 -4.29 -25.20
N GLU A 47 2.70 -4.83 -26.39
CA GLU A 47 2.17 -4.05 -27.50
C GLU A 47 0.65 -4.06 -27.55
N GLY A 48 -0.02 -4.67 -26.59
CA GLY A 48 -1.47 -4.69 -26.61
C GLY A 48 -2.09 -5.92 -27.24
N GLY A 49 -1.29 -6.93 -27.60
CA GLY A 49 -1.80 -8.18 -28.11
C GLY A 49 -2.11 -9.18 -27.00
N LEU A 50 -2.43 -10.40 -27.43
CA LEU A 50 -2.88 -11.45 -26.54
C LEU A 50 -1.93 -12.64 -26.47
N VAL A 51 -0.79 -12.59 -27.14
CA VAL A 51 0.13 -13.72 -27.21
C VAL A 51 1.45 -13.32 -26.59
N PRO A 52 1.91 -13.98 -25.51
CA PRO A 52 3.20 -13.59 -24.91
C PRO A 52 4.34 -13.78 -25.89
N ALA A 53 5.20 -12.76 -25.97
CA ALA A 53 6.43 -12.85 -26.74
C ALA A 53 7.37 -13.87 -26.10
N ALA A 54 8.51 -14.10 -26.75
CA ALA A 54 9.40 -15.17 -26.31
C ALA A 54 9.82 -14.98 -24.85
N HIS A 55 9.99 -13.73 -24.42
CA HIS A 55 10.51 -13.46 -23.08
C HIS A 55 9.47 -12.84 -22.14
N GLU A 56 8.19 -13.00 -22.44
CA GLU A 56 7.13 -12.54 -21.56
C GLU A 56 6.55 -13.73 -20.80
N ILE A 57 6.41 -13.60 -19.47
CA ILE A 57 5.78 -14.63 -18.65
C ILE A 57 4.59 -13.98 -17.95
N MET A 58 3.40 -14.54 -18.13
CA MET A 58 2.21 -13.99 -17.49
C MET A 58 2.15 -14.42 -16.02
N ILE A 59 1.71 -13.49 -15.16
CA ILE A 59 1.60 -13.74 -13.73
C ILE A 59 0.18 -13.47 -13.28
N PRO A 60 -0.66 -14.50 -13.13
CA PRO A 60 -2.04 -14.29 -12.66
C PRO A 60 -2.10 -14.03 -11.15
N VAL A 61 -2.77 -12.96 -10.76
CA VAL A 61 -2.90 -12.59 -9.36
C VAL A 61 -4.36 -12.22 -9.11
N GLY A 62 -5.13 -13.13 -8.50
CA GLY A 62 -6.55 -12.86 -8.35
C GLY A 62 -7.18 -12.72 -9.73
N ASN A 63 -7.93 -11.62 -9.93
CA ASN A 63 -8.54 -11.34 -11.23
C ASN A 63 -7.65 -10.49 -12.13
N MET A 64 -6.40 -10.25 -11.71
CA MET A 64 -5.44 -9.46 -12.46
C MET A 64 -4.51 -10.40 -13.20
N ILE A 65 -3.93 -9.92 -14.29
CA ILE A 65 -2.88 -10.67 -14.96
C ILE A 65 -1.75 -9.71 -15.23
N LEU A 66 -0.59 -9.97 -14.63
CA LEU A 66 0.61 -9.17 -14.85
C LEU A 66 1.53 -9.93 -15.80
N ALA A 67 2.62 -9.28 -16.18
CA ALA A 67 3.61 -9.91 -17.06
C ALA A 67 4.99 -9.43 -16.66
N VAL A 68 5.96 -10.34 -16.64
CA VAL A 68 7.36 -9.98 -16.51
C VAL A 68 8.05 -10.22 -17.84
N ASP A 69 8.91 -9.28 -18.23
CA ASP A 69 9.72 -9.37 -19.44
C ASP A 69 11.13 -9.75 -18.99
N THR A 70 11.50 -11.01 -19.23
CA THR A 70 12.77 -11.50 -18.67
C THR A 70 13.98 -10.92 -19.39
N GLN A 71 13.80 -10.38 -20.59
CA GLN A 71 14.91 -9.70 -21.26
C GLN A 71 15.19 -8.34 -20.64
N VAL A 72 14.14 -7.56 -20.37
CA VAL A 72 14.31 -6.31 -19.64
C VAL A 72 14.84 -6.59 -18.24
N LEU A 73 14.34 -7.66 -17.61
CA LEU A 73 14.79 -8.03 -16.27
C LEU A 73 16.30 -8.21 -16.21
N ASP A 74 16.85 -9.08 -17.07
CA ASP A 74 18.29 -9.35 -17.03
C ASP A 74 19.13 -8.18 -17.51
N LYS A 75 18.62 -7.38 -18.44
CA LYS A 75 19.17 -6.05 -18.68
C LYS A 75 19.35 -5.25 -17.39
N CYS A 76 18.27 -5.09 -16.63
CA CYS A 76 18.35 -4.30 -15.39
C CYS A 76 19.25 -4.96 -14.36
N ALA A 77 19.22 -6.30 -14.30
CA ALA A 77 20.04 -6.98 -13.31
C ALA A 77 21.52 -6.76 -13.58
N LEU A 78 21.91 -6.74 -14.86
CA LEU A 78 23.30 -6.43 -15.20
C LEU A 78 23.66 -4.99 -14.83
N ALA A 79 22.76 -4.05 -15.13
CA ALA A 79 23.00 -2.65 -14.77
C ALA A 79 23.10 -2.49 -13.25
N LEU A 80 22.17 -3.11 -12.51
CA LEU A 80 22.21 -3.01 -11.05
C LEU A 80 23.47 -3.66 -10.48
N ALA A 81 23.93 -4.76 -11.08
CA ALA A 81 25.08 -5.45 -10.53
C ALA A 81 26.33 -4.57 -10.55
N ALA A 82 26.42 -3.65 -11.50
CA ALA A 82 27.55 -2.73 -11.60
C ALA A 82 27.26 -1.40 -10.94
N SER A 83 26.31 -1.35 -10.00
CA SER A 83 25.92 -0.13 -9.32
C SER A 83 26.56 -0.04 -7.94
N ASP A 84 26.86 1.19 -7.55
CA ASP A 84 27.40 1.47 -6.22
C ASP A 84 26.31 1.61 -5.15
N ASP A 85 25.09 2.00 -5.53
CA ASP A 85 23.94 1.99 -4.62
C ASP A 85 22.74 1.31 -5.29
N PRO A 86 22.43 0.07 -4.92
CA PRO A 86 21.13 -0.51 -5.34
C PRO A 86 19.94 0.41 -5.07
N GLY A 87 19.85 0.97 -3.86
CA GLY A 87 18.73 1.84 -3.55
C GLY A 87 18.63 3.03 -4.48
N ARG A 88 19.76 3.66 -4.78
CA ARG A 88 19.73 4.81 -5.69
C ARG A 88 19.38 4.40 -7.12
N TRP A 89 19.91 3.25 -7.57
CA TRP A 89 19.64 2.80 -8.94
C TRP A 89 18.13 2.65 -9.17
N PHE A 90 17.43 2.02 -8.23
CA PHE A 90 15.98 1.85 -8.36
C PHE A 90 15.25 3.19 -8.41
N ALA A 91 15.63 4.14 -7.55
CA ALA A 91 14.94 5.43 -7.53
C ALA A 91 15.15 6.21 -8.84
N GLU A 92 16.28 6.00 -9.50
CA GLU A 92 16.62 6.67 -10.76
C GLU A 92 16.13 5.93 -12.00
N ASN A 93 15.50 4.76 -11.86
CA ASN A 93 15.15 3.95 -13.02
C ASN A 93 13.72 3.42 -12.93
N GLU A 94 12.79 4.29 -12.52
CA GLU A 94 11.41 3.86 -12.42
C GLU A 94 10.84 3.50 -13.78
N SER A 95 11.37 4.09 -14.85
CA SER A 95 10.89 3.72 -16.19
C SER A 95 11.25 2.28 -16.54
N LEU A 96 12.48 1.86 -16.23
CA LEU A 96 12.89 0.49 -16.53
C LEU A 96 12.15 -0.52 -15.66
N ILE A 97 11.92 -0.18 -14.38
CA ILE A 97 11.14 -1.04 -13.50
C ILE A 97 9.72 -1.22 -14.02
N HIS A 98 9.10 -0.17 -14.54
CA HIS A 98 7.75 -0.36 -15.04
C HIS A 98 7.71 -1.08 -16.37
N SER A 99 8.87 -1.18 -17.03
CA SER A 99 9.00 -2.00 -18.22
C SER A 99 9.28 -3.46 -17.88
N THR A 100 9.73 -3.72 -16.64
CA THR A 100 10.12 -5.08 -16.26
C THR A 100 8.92 -5.90 -15.87
N VAL A 101 8.02 -5.34 -15.05
CA VAL A 101 6.75 -5.98 -14.73
C VAL A 101 5.65 -4.96 -15.00
N PHE A 102 4.63 -5.40 -15.75
CA PHE A 102 3.55 -4.50 -16.16
C PHE A 102 2.25 -5.28 -16.25
N ALA A 103 1.15 -4.54 -16.37
CA ALA A 103 -0.16 -5.18 -16.48
C ALA A 103 -0.65 -5.03 -17.91
N PRO A 104 -0.69 -6.10 -18.72
CA PRO A 104 -1.10 -5.97 -20.13
C PRO A 104 -2.50 -5.34 -20.28
N VAL A 105 -2.67 -4.57 -21.36
CA VAL A 105 -3.92 -3.84 -21.61
C VAL A 105 -5.01 -4.74 -22.21
N ALA A 106 -4.65 -5.80 -22.94
CA ALA A 106 -5.67 -6.60 -23.64
C ALA A 106 -6.61 -7.30 -22.67
N LYS A 107 -7.92 -7.18 -22.92
CA LYS A 107 -8.91 -7.68 -21.99
C LYS A 107 -9.15 -9.19 -22.11
N GLY A 108 -8.94 -9.79 -23.28
CA GLY A 108 -9.35 -11.19 -23.36
C GLY A 108 -8.49 -12.25 -22.68
N LEU A 109 -7.44 -11.88 -21.94
CA LEU A 109 -6.45 -12.85 -21.47
C LEU A 109 -7.04 -13.91 -20.57
N HIS A 110 -7.98 -13.53 -19.69
CA HIS A 110 -8.62 -14.50 -18.80
C HIS A 110 -9.30 -15.61 -19.56
N ARG A 111 -9.96 -15.26 -20.67
CA ARG A 111 -10.66 -16.28 -21.45
C ARG A 111 -9.68 -17.15 -22.22
N VAL A 112 -8.68 -16.52 -22.85
CA VAL A 112 -7.76 -17.25 -23.72
C VAL A 112 -6.89 -18.23 -22.92
N TYR A 113 -6.56 -17.89 -21.65
CA TYR A 113 -5.65 -18.71 -20.83
C TYR A 113 -6.40 -19.16 -19.58
N PRO A 114 -7.21 -20.23 -19.67
CA PRO A 114 -8.15 -20.54 -18.60
C PRO A 114 -7.48 -21.07 -17.35
N LEU A 115 -7.92 -20.55 -16.19
CA LEU A 115 -7.37 -20.95 -14.88
C LEU A 115 -5.85 -20.87 -14.89
N LEU A 116 -5.33 -19.79 -15.48
CA LEU A 116 -3.90 -19.60 -15.66
C LEU A 116 -3.14 -19.70 -14.33
N SER A 117 -1.99 -20.38 -14.40
CA SER A 117 -1.02 -20.41 -13.29
C SER A 117 0.32 -20.02 -13.90
N VAL A 118 1.42 -20.40 -13.24
CA VAL A 118 2.76 -20.29 -13.79
C VAL A 118 3.41 -21.68 -13.72
N ARG A 119 4.10 -22.10 -14.77
CA ARG A 119 4.57 -23.48 -14.78
C ARG A 119 5.73 -23.66 -13.81
N PRO A 120 5.72 -24.73 -13.01
CA PRO A 120 6.76 -24.94 -12.01
C PRO A 120 8.02 -25.49 -12.68
N GLU A 121 9.11 -24.76 -12.56
CA GLU A 121 10.36 -25.13 -13.21
C GLU A 121 11.50 -24.88 -12.25
N VAL A 122 12.62 -25.55 -12.48
CA VAL A 122 13.86 -25.24 -11.77
C VAL A 122 14.94 -25.16 -12.83
N PRO A 123 15.63 -24.04 -12.97
CA PRO A 123 16.66 -23.93 -14.01
C PRO A 123 17.79 -24.90 -13.77
N ALA A 124 18.39 -25.36 -14.86
CA ALA A 124 19.54 -26.24 -14.76
C ALA A 124 20.66 -25.54 -14.03
N GLY A 125 21.34 -26.26 -13.14
CA GLY A 125 22.44 -25.69 -12.41
C GLY A 125 22.08 -24.89 -11.19
N TYR A 126 20.80 -24.84 -10.82
CA TYR A 126 20.38 -24.06 -9.67
C TYR A 126 21.01 -24.59 -8.39
N GLU A 127 21.49 -23.66 -7.56
CA GLU A 127 22.03 -23.99 -6.24
C GLU A 127 21.47 -23.00 -5.24
N ALA A 128 21.30 -23.43 -3.99
CA ALA A 128 20.84 -22.52 -2.95
C ALA A 128 21.49 -22.82 -1.60
N SER A 129 21.96 -21.78 -0.95
CA SER A 129 22.31 -21.86 0.47
C SER A 129 21.49 -20.92 1.34
N TRP A 130 20.77 -19.97 0.73
CA TRP A 130 19.89 -19.03 1.40
C TRP A 130 18.49 -19.13 0.78
N PRO A 131 17.42 -19.07 1.60
CA PRO A 131 17.44 -18.88 3.06
C PRO A 131 17.90 -20.12 3.80
N THR A 132 17.77 -21.29 3.19
CA THR A 132 18.27 -22.53 3.77
C THR A 132 18.93 -23.34 2.66
N GLN A 133 19.64 -24.39 3.07
CA GLN A 133 20.40 -25.20 2.11
C GLN A 133 19.45 -25.98 1.19
N ASP A 134 19.69 -25.88 -0.13
CA ASP A 134 18.88 -26.56 -1.15
C ASP A 134 17.42 -26.11 -1.17
N HIS A 135 17.14 -24.92 -0.63
CA HIS A 135 15.81 -24.33 -0.70
C HIS A 135 15.36 -24.25 -2.15
N MET A 136 14.18 -24.81 -2.45
CA MET A 136 13.57 -24.66 -3.77
C MET A 136 13.49 -23.18 -4.14
N PRO A 137 13.72 -22.80 -5.41
CA PRO A 137 13.41 -21.43 -5.80
C PRO A 137 11.90 -21.21 -5.70
N GLY A 138 11.51 -20.00 -5.34
CA GLY A 138 10.12 -19.73 -4.98
C GLY A 138 10.07 -18.58 -3.98
N LEU A 139 8.92 -18.46 -3.29
CA LEU A 139 8.79 -17.52 -2.18
C LEU A 139 9.17 -18.20 -0.87
N HIS A 140 9.73 -17.43 0.04
CA HIS A 140 9.81 -17.85 1.44
C HIS A 140 8.94 -16.89 2.25
N LEU A 141 7.78 -17.36 2.71
CA LEU A 141 6.84 -16.51 3.41
C LEU A 141 7.23 -16.39 4.88
N VAL A 142 7.13 -15.17 5.40
CA VAL A 142 7.30 -14.86 6.82
C VAL A 142 5.93 -14.40 7.31
N VAL A 143 5.27 -15.23 8.12
CA VAL A 143 3.83 -15.08 8.36
C VAL A 143 3.55 -15.05 9.86
N GLY A 144 2.35 -14.58 10.20
CA GLY A 144 2.00 -14.36 11.59
C GLY A 144 1.05 -13.17 11.72
N GLY A 145 0.47 -13.04 12.91
CA GLY A 145 -0.56 -12.04 13.12
C GLY A 145 -0.01 -10.64 13.32
N THR A 146 -0.91 -9.72 13.67
CA THR A 146 -0.53 -8.34 13.88
C THR A 146 0.44 -8.22 15.06
N GLY A 147 1.56 -7.52 14.84
CA GLY A 147 2.59 -7.37 15.85
C GLY A 147 3.30 -8.64 16.23
N ALA A 148 3.30 -9.66 15.36
CA ALA A 148 4.00 -10.90 15.67
C ALA A 148 5.52 -10.78 15.55
N GLY A 149 6.02 -9.64 15.08
CA GLY A 149 7.45 -9.47 14.89
C GLY A 149 7.98 -9.81 13.51
N LYS A 150 7.12 -9.84 12.49
CA LYS A 150 7.55 -10.20 11.14
C LYS A 150 8.51 -9.16 10.57
N SER A 151 8.17 -7.87 10.69
CA SER A 151 9.06 -6.85 10.14
C SER A 151 10.43 -6.87 10.80
N SER A 152 10.48 -7.01 12.12
CA SER A 152 11.80 -7.02 12.76
C SER A 152 12.53 -8.33 12.52
N TYR A 153 11.81 -9.43 12.26
CA TYR A 153 12.47 -10.70 11.95
C TYR A 153 13.37 -10.58 10.73
N LEU A 154 12.96 -9.79 9.74
CA LEU A 154 13.77 -9.63 8.52
C LEU A 154 15.18 -9.14 8.84
N ALA A 155 15.37 -8.47 9.98
CA ALA A 155 16.69 -7.97 10.31
C ALA A 155 17.69 -9.10 10.59
N SER A 156 17.22 -10.30 10.91
CA SER A 156 18.09 -11.43 11.20
C SER A 156 18.44 -12.25 9.96
N GLN A 157 17.96 -11.88 8.78
CA GLN A 157 18.03 -12.76 7.62
C GLN A 157 19.11 -12.39 6.62
N ASP A 158 20.02 -11.49 6.96
CA ASP A 158 21.12 -11.08 6.08
C ASP A 158 20.62 -10.72 4.68
N LEU A 159 19.65 -9.81 4.66
CA LEU A 159 19.05 -9.30 3.44
C LEU A 159 19.89 -8.15 2.88
N THR A 160 19.76 -7.92 1.58
CA THR A 160 20.37 -6.74 0.99
C THR A 160 19.52 -5.52 1.26
N LEU A 161 18.21 -5.60 1.03
CA LEU A 161 17.33 -4.55 1.52
C LEU A 161 15.92 -5.07 1.57
N VAL A 162 15.07 -4.33 2.25
CA VAL A 162 13.67 -4.67 2.43
C VAL A 162 12.85 -3.74 1.55
N ILE A 163 12.06 -4.31 0.66
CA ILE A 163 11.16 -3.55 -0.21
C ILE A 163 9.89 -3.32 0.58
N ARG A 164 9.60 -2.06 0.90
CA ARG A 164 8.47 -1.72 1.76
C ARG A 164 7.26 -1.37 0.90
N TRP A 165 6.15 -2.08 1.13
CA TRP A 165 4.96 -1.90 0.30
C TRP A 165 3.71 -2.16 1.13
N GLY A 166 2.76 -1.23 1.08
CA GLY A 166 1.48 -1.47 1.70
C GLY A 166 1.49 -1.40 3.20
N GLU A 167 2.57 -0.91 3.80
CA GLU A 167 2.69 -0.81 5.24
C GLU A 167 2.84 0.65 5.65
N PRO A 168 2.40 1.04 6.85
CA PRO A 168 2.56 2.43 7.29
C PRO A 168 4.03 2.78 7.52
N ALA A 169 4.34 4.06 7.37
CA ALA A 169 5.70 4.51 7.63
C ALA A 169 6.05 4.19 9.07
N GLU A 170 7.19 3.55 9.27
CA GLU A 170 7.62 3.05 10.57
C GLU A 170 9.07 3.44 10.79
N ARG A 171 9.60 3.05 11.96
CA ARG A 171 11.02 3.24 12.21
C ARG A 171 11.87 2.55 11.15
N PHE A 172 11.40 1.42 10.61
CA PHE A 172 12.16 0.69 9.58
C PHE A 172 12.46 1.57 8.37
N ASP A 173 11.58 2.52 8.05
CA ASP A 173 11.68 3.25 6.80
C ASP A 173 12.63 4.43 6.84
N VAL A 174 13.06 4.87 8.01
CA VAL A 174 14.00 5.98 8.11
C VAL A 174 15.39 5.50 8.49
N GLU A 175 15.49 4.43 9.26
CA GLU A 175 16.75 3.83 9.69
C GLU A 175 16.82 2.45 9.04
N GLY A 176 17.54 2.32 7.95
CA GLY A 176 17.76 0.98 7.43
C GLY A 176 17.77 0.97 5.92
N ALA A 177 18.20 -0.19 5.40
CA ALA A 177 18.27 -0.42 3.95
C ALA A 177 16.88 -0.86 3.50
N THR A 178 16.09 0.12 3.07
CA THR A 178 14.77 -0.16 2.50
C THR A 178 14.63 0.57 1.18
N HIS A 179 13.70 0.11 0.36
CA HIS A 179 13.27 0.83 -0.82
C HIS A 179 11.76 0.77 -0.88
N ALA A 180 11.10 1.91 -0.78
CA ALA A 180 9.64 1.92 -0.70
C ALA A 180 9.04 1.95 -2.10
N VAL A 181 7.97 1.19 -2.31
CA VAL A 181 7.25 1.16 -3.59
C VAL A 181 5.74 1.35 -3.34
N SER A 182 4.98 1.46 -4.44
CA SER A 182 3.55 1.80 -4.41
C SER A 182 2.62 0.70 -4.92
N ASP A 183 3.06 -0.21 -5.79
CA ASP A 183 2.13 -1.18 -6.35
C ASP A 183 2.83 -2.52 -6.58
N LEU A 184 2.04 -3.52 -6.96
CA LEU A 184 2.56 -4.88 -7.01
C LEU A 184 3.57 -5.06 -8.15
N ASN A 185 3.34 -4.42 -9.32
CA ASN A 185 4.40 -4.42 -10.35
C ASN A 185 5.73 -3.97 -9.80
N GLU A 186 5.77 -2.82 -9.13
CA GLU A 186 7.02 -2.29 -8.60
C GLU A 186 7.66 -3.22 -7.60
N ALA A 187 6.86 -3.77 -6.67
CA ALA A 187 7.41 -4.65 -5.64
C ALA A 187 8.04 -5.89 -6.28
N LEU A 188 7.33 -6.50 -7.24
CA LEU A 188 7.88 -7.69 -7.90
C LEU A 188 9.11 -7.35 -8.73
N ALA A 189 9.03 -6.28 -9.52
CA ALA A 189 10.16 -5.92 -10.39
C ALA A 189 11.43 -5.66 -9.58
N VAL A 190 11.31 -4.91 -8.49
CA VAL A 190 12.51 -4.62 -7.68
C VAL A 190 13.09 -5.92 -7.12
N ALA A 191 12.22 -6.76 -6.58
CA ALA A 191 12.69 -8.03 -6.02
C ALA A 191 13.30 -8.93 -7.10
N PHE A 192 12.66 -9.01 -8.28
CA PHE A 192 13.19 -9.86 -9.35
C PHE A 192 14.56 -9.37 -9.79
N VAL A 193 14.70 -8.06 -10.03
CA VAL A 193 15.97 -7.49 -10.47
C VAL A 193 17.05 -7.73 -9.43
N MET A 194 16.72 -7.47 -8.15
CA MET A 194 17.68 -7.67 -7.08
C MET A 194 18.17 -9.11 -7.04
N ALA A 195 17.25 -10.08 -7.11
CA ALA A 195 17.64 -11.48 -6.98
C ALA A 195 18.40 -11.97 -8.21
N ARG A 196 17.99 -11.57 -9.42
CA ARG A 196 18.76 -11.98 -10.60
C ARG A 196 20.17 -11.41 -10.59
N ALA A 197 20.35 -10.25 -9.97
CA ALA A 197 21.67 -9.66 -9.83
C ALA A 197 22.50 -10.28 -8.71
N GLY A 198 21.93 -11.19 -7.92
CA GLY A 198 22.68 -11.84 -6.85
C GLY A 198 22.45 -11.29 -5.45
N TYR A 199 21.57 -10.29 -5.30
CA TYR A 199 21.22 -9.75 -3.99
C TYR A 199 20.08 -10.54 -3.36
N ARG A 200 19.75 -10.19 -2.12
CA ARG A 200 18.75 -10.91 -1.34
C ARG A 200 17.62 -9.96 -0.97
N PRO A 201 16.49 -10.04 -1.66
CA PRO A 201 15.37 -9.13 -1.35
C PRO A 201 14.33 -9.76 -0.45
N ALA A 202 13.65 -8.90 0.33
CA ALA A 202 12.42 -9.25 1.02
C ALA A 202 11.37 -8.19 0.69
N ILE A 203 10.11 -8.60 0.62
CA ILE A 203 9.02 -7.64 0.45
C ILE A 203 8.23 -7.60 1.76
N ASP A 204 8.11 -6.41 2.34
CA ASP A 204 7.31 -6.18 3.54
C ASP A 204 6.30 -5.12 3.13
N SER A 205 5.11 -5.52 2.69
CA SER A 205 4.57 -6.88 2.81
C SER A 205 3.59 -7.17 1.66
N PHE A 206 2.97 -8.35 1.65
CA PHE A 206 1.87 -8.64 0.72
C PHE A 206 0.51 -8.33 1.34
N ARG A 207 0.46 -7.39 2.30
CA ARG A 207 -0.80 -6.98 2.93
C ARG A 207 -1.91 -6.75 1.91
N ASN A 208 -1.60 -6.04 0.83
CA ASN A 208 -2.66 -5.69 -0.10
C ASN A 208 -3.13 -6.88 -0.95
N LEU A 209 -2.34 -7.95 -1.04
CA LEU A 209 -2.90 -9.17 -1.63
C LEU A 209 -3.94 -9.78 -0.72
N VAL A 210 -3.68 -9.75 0.58
CA VAL A 210 -4.63 -10.33 1.53
C VAL A 210 -5.93 -9.55 1.48
N PHE A 211 -5.82 -8.21 1.54
CA PHE A 211 -7.01 -7.38 1.60
C PHE A 211 -7.71 -7.34 0.24
N GLY A 212 -6.93 -7.30 -0.85
CA GLY A 212 -7.43 -6.96 -2.16
C GLY A 212 -7.95 -8.13 -2.97
N ILE A 213 -7.54 -9.34 -2.61
CA ILE A 213 -8.01 -10.54 -3.28
C ILE A 213 -9.21 -11.04 -2.48
N GLU A 214 -10.35 -11.19 -3.15
CA GLU A 214 -11.57 -11.61 -2.48
C GLU A 214 -12.37 -12.51 -3.42
N SER A 215 -12.66 -13.73 -2.95
CA SER A 215 -13.35 -14.73 -3.77
C SER A 215 -14.12 -15.72 -2.91
N GLY A 221 -10.41 -19.90 6.62
CA GLY A 221 -11.49 -19.09 6.06
C GLY A 221 -11.02 -17.90 5.24
N ILE A 222 -9.93 -18.09 4.49
CA ILE A 222 -9.39 -17.05 3.62
C ILE A 222 -9.79 -17.38 2.18
N SER A 223 -9.95 -16.34 1.36
CA SER A 223 -10.17 -16.50 -0.07
C SER A 223 -9.13 -17.43 -0.69
N THR A 224 -9.59 -18.45 -1.42
CA THR A 224 -8.66 -19.40 -2.02
C THR A 224 -7.79 -18.75 -3.08
N ALA A 225 -8.19 -17.59 -3.59
CA ALA A 225 -7.39 -16.93 -4.62
C ALA A 225 -6.11 -16.33 -4.06
N LEU A 226 -6.02 -16.12 -2.74
CA LEU A 226 -4.72 -15.78 -2.16
C LEU A 226 -3.73 -16.92 -2.35
N TYR A 227 -4.18 -18.15 -2.17
CA TYR A 227 -3.28 -19.29 -2.28
C TYR A 227 -2.80 -19.47 -3.72
N SER A 228 -3.71 -19.36 -4.69
CA SER A 228 -3.26 -19.50 -6.07
C SER A 228 -2.39 -18.34 -6.50
N ALA A 229 -2.65 -17.13 -5.99
CA ALA A 229 -1.75 -16.01 -6.28
C ALA A 229 -0.35 -16.27 -5.73
N MET A 230 -0.24 -16.82 -4.52
CA MET A 230 1.11 -17.07 -4.02
C MET A 230 1.81 -18.16 -4.82
N THR A 231 1.07 -19.17 -5.28
CA THR A 231 1.69 -20.22 -6.09
C THR A 231 2.18 -19.66 -7.42
N ALA A 232 1.40 -18.76 -8.02
CA ALA A 232 1.79 -18.15 -9.29
C ALA A 232 3.07 -17.33 -9.13
N ILE A 233 3.10 -16.46 -8.13
CA ILE A 233 4.32 -15.66 -7.91
C ILE A 233 5.47 -16.57 -7.53
N ASN A 234 5.21 -17.56 -6.67
CA ASN A 234 6.23 -18.53 -6.30
C ASN A 234 6.84 -19.18 -7.55
N ASN A 235 6.00 -19.60 -8.48
CA ASN A 235 6.54 -20.30 -9.66
C ASN A 235 7.23 -19.38 -10.64
N VAL A 236 6.90 -18.09 -10.68
CA VAL A 236 7.74 -17.16 -11.42
C VAL A 236 9.14 -17.14 -10.83
N CYS A 237 9.24 -17.05 -9.50
CA CYS A 237 10.55 -17.15 -8.88
C CYS A 237 11.22 -18.48 -9.22
N SER A 238 10.46 -19.57 -9.26
CA SER A 238 11.09 -20.85 -9.56
C SER A 238 11.67 -20.84 -10.97
N ARG A 239 10.92 -20.30 -11.94
CA ARG A 239 11.44 -20.22 -13.30
C ARG A 239 12.68 -19.33 -13.37
N LEU A 240 12.73 -18.28 -12.57
CA LEU A 240 13.87 -17.39 -12.54
C LEU A 240 15.02 -17.93 -11.69
N GLY A 241 14.85 -19.04 -11.00
CA GLY A 241 15.92 -19.57 -10.15
C GLY A 241 16.27 -18.70 -8.97
N ILE A 242 15.27 -18.05 -8.36
CA ILE A 242 15.52 -17.09 -7.27
C ILE A 242 14.62 -17.44 -6.08
N VAL A 243 14.98 -16.91 -4.91
CA VAL A 243 14.10 -16.95 -3.74
C VAL A 243 13.85 -15.52 -3.31
N VAL A 244 12.58 -15.18 -3.10
CA VAL A 244 12.17 -13.88 -2.58
C VAL A 244 11.48 -14.12 -1.25
N MET A 245 11.98 -13.49 -0.18
CA MET A 245 11.30 -13.46 1.12
C MET A 245 10.15 -12.47 1.13
N VAL A 246 9.02 -12.89 1.71
CA VAL A 246 7.80 -12.09 1.65
C VAL A 246 7.04 -12.20 2.97
N VAL A 247 6.71 -11.04 3.56
CA VAL A 247 5.90 -10.99 4.78
C VAL A 247 4.42 -11.06 4.42
N VAL A 248 3.65 -11.88 5.15
CA VAL A 248 2.21 -11.97 4.97
C VAL A 248 1.56 -12.04 6.34
N ASN A 249 0.65 -11.10 6.63
CA ASN A 249 -0.26 -11.18 7.77
C ASN A 249 -1.61 -11.58 7.22
N PRO A 250 -2.02 -12.85 7.34
CA PRO A 250 -3.25 -13.31 6.67
C PRO A 250 -4.54 -12.95 7.37
N MET A 251 -4.49 -12.41 8.59
CA MET A 251 -5.70 -11.97 9.29
C MET A 251 -6.63 -13.16 9.57
N ALA A 252 -6.05 -14.30 9.92
CA ALA A 252 -6.86 -15.47 10.27
C ALA A 252 -7.21 -15.45 11.76
N THR A 253 -8.31 -16.11 12.09
CA THR A 253 -8.70 -16.23 13.48
C THR A 253 -7.84 -17.29 14.17
N GLU A 254 -7.77 -17.20 15.51
CA GLU A 254 -6.98 -18.18 16.24
C GLU A 254 -7.44 -19.60 15.97
N ALA A 255 -8.75 -19.79 15.76
CA ALA A 255 -9.26 -21.12 15.49
C ALA A 255 -8.81 -21.64 14.13
N LYS A 256 -8.71 -20.75 13.15
CA LYS A 256 -8.40 -21.12 11.77
C LYS A 256 -6.94 -20.90 11.38
N ALA A 257 -6.11 -20.39 12.29
CA ALA A 257 -4.73 -20.08 11.94
C ALA A 257 -3.98 -21.31 11.45
N GLU A 258 -4.09 -22.42 12.18
CA GLU A 258 -3.34 -23.62 11.82
C GLU A 258 -3.70 -24.08 10.40
N LEU A 259 -4.99 -23.99 10.04
CA LEU A 259 -5.42 -24.41 8.70
C LEU A 259 -4.90 -23.46 7.63
N VAL A 260 -5.11 -22.16 7.82
CA VAL A 260 -4.67 -21.16 6.85
C VAL A 260 -3.15 -21.23 6.67
N TYR A 261 -2.42 -21.53 7.75
CA TYR A 261 -0.96 -21.61 7.63
C TYR A 261 -0.53 -22.83 6.81
N ASN A 262 -1.12 -24.01 7.04
CA ASN A 262 -0.90 -25.12 6.10
C ASN A 262 -1.28 -24.81 4.67
N ASN A 263 -2.41 -24.14 4.45
CA ASN A 263 -2.79 -23.82 3.08
C ASN A 263 -1.76 -22.89 2.43
N MET A 264 -1.26 -21.92 3.20
CA MET A 264 -0.18 -21.05 2.72
C MET A 264 1.10 -21.86 2.47
N ALA A 265 1.44 -22.75 3.39
CA ALA A 265 2.66 -23.53 3.24
C ALA A 265 2.57 -24.47 2.04
N ALA A 266 1.38 -24.99 1.76
CA ALA A 266 1.18 -25.86 0.59
C ALA A 266 1.19 -25.08 -0.73
N SER A 267 1.33 -23.75 -0.71
CA SER A 267 1.31 -22.93 -1.91
C SER A 267 2.68 -22.46 -2.37
N VAL A 268 3.73 -22.64 -1.55
CA VAL A 268 5.00 -21.96 -1.76
C VAL A 268 6.15 -22.89 -1.39
N ALA A 269 7.36 -22.44 -1.72
CA ALA A 269 8.57 -23.19 -1.40
C ALA A 269 8.80 -23.28 0.11
N GLY A 270 8.71 -22.16 0.81
CA GLY A 270 9.03 -22.17 2.23
C GLY A 270 8.19 -21.19 3.02
N MET A 271 8.06 -21.47 4.31
CA MET A 271 7.26 -20.62 5.20
C MET A 271 7.80 -20.68 6.63
N THR A 272 7.89 -19.51 7.25
CA THR A 272 8.29 -19.35 8.65
C THR A 272 7.17 -18.62 9.38
N VAL A 273 6.68 -19.20 10.49
CA VAL A 273 5.60 -18.61 11.28
C VAL A 273 6.21 -17.93 12.50
N LEU A 274 5.84 -16.67 12.75
CA LEU A 274 6.24 -15.92 13.94
C LEU A 274 5.08 -15.82 14.91
N MET A 275 5.38 -16.00 16.19
CA MET A 275 4.44 -15.70 17.27
C MET A 275 5.21 -14.97 18.35
N ASP A 276 4.77 -13.76 18.67
CA ASP A 276 5.32 -13.02 19.79
C ASP A 276 6.82 -12.84 19.65
N GLY A 277 7.26 -12.59 18.43
CA GLY A 277 8.66 -12.32 18.14
C GLY A 277 9.53 -13.53 17.89
N ALA A 278 9.00 -14.75 18.03
CA ALA A 278 9.81 -15.96 17.91
C ALA A 278 9.24 -16.89 16.85
N VAL A 279 10.13 -17.68 16.24
CA VAL A 279 9.72 -18.65 15.24
C VAL A 279 9.01 -19.80 15.93
N SER A 280 7.75 -20.05 15.54
CA SER A 280 6.99 -21.15 16.12
C SER A 280 6.90 -22.37 15.21
N LYS A 281 6.97 -22.17 13.90
CA LYS A 281 6.88 -23.28 12.95
C LYS A 281 7.60 -22.88 11.67
N GLN A 282 8.14 -23.87 10.96
CA GLN A 282 8.81 -23.60 9.69
C GLN A 282 8.68 -24.84 8.83
N THR A 283 8.56 -24.63 7.51
CA THR A 283 8.63 -25.75 6.58
C THR A 283 9.23 -25.24 5.28
N VAL A 284 10.12 -26.05 4.68
CA VAL A 284 10.80 -25.66 3.45
C VAL A 284 10.81 -26.87 2.50
N ARG A 285 10.40 -26.63 1.26
CA ARG A 285 10.56 -27.63 0.20
C ARG A 285 11.96 -27.47 -0.38
N THR A 286 12.71 -28.58 -0.44
CA THR A 286 14.08 -28.58 -0.96
C THR A 286 14.14 -29.40 -2.25
N LEU A 287 15.33 -29.35 -2.86
CA LEU A 287 15.52 -29.95 -4.18
C LEU A 287 15.24 -31.46 -4.17
N SER A 288 15.47 -32.12 -3.03
CA SER A 288 15.28 -33.56 -2.94
C SER A 288 14.35 -33.99 -1.81
N GLY A 289 13.74 -33.06 -1.08
CA GLY A 289 12.87 -33.45 0.00
C GLY A 289 12.19 -32.28 0.67
N ARG A 290 12.19 -32.27 2.01
CA ARG A 290 11.41 -31.32 2.77
C ARG A 290 12.05 -31.19 4.15
N THR A 291 12.02 -29.98 4.70
CA THR A 291 12.42 -29.77 6.09
C THR A 291 11.27 -29.16 6.86
N TRP A 292 11.30 -29.35 8.19
CA TRP A 292 10.29 -28.83 9.12
C TRP A 292 10.99 -28.29 10.35
N GLY A 293 10.35 -27.36 11.04
CA GLY A 293 10.84 -26.89 12.32
C GLY A 293 9.69 -26.57 13.24
N VAL A 294 9.92 -26.78 14.55
CA VAL A 294 8.94 -26.44 15.59
C VAL A 294 9.68 -25.70 16.69
N GLY A 295 9.08 -24.60 17.16
CA GLY A 295 9.59 -23.82 18.27
C GLY A 295 8.52 -23.66 19.34
N LYS A 296 8.57 -22.53 20.03
CA LYS A 296 7.45 -22.11 20.87
C LYS A 296 6.50 -21.20 20.07
N GLU B 27 -4.75 23.88 -14.97
CA GLU B 27 -5.26 23.84 -13.59
C GLU B 27 -6.68 23.27 -13.53
N THR B 28 -7.29 23.06 -14.69
CA THR B 28 -8.61 22.46 -14.77
C THR B 28 -8.48 20.94 -14.76
N VAL B 29 -9.45 20.27 -14.15
CA VAL B 29 -9.44 18.81 -14.04
C VAL B 29 -10.38 18.22 -15.08
N ALA B 30 -9.89 17.22 -15.82
CA ALA B 30 -10.74 16.52 -16.78
C ALA B 30 -11.85 15.76 -16.05
N LEU B 31 -13.10 16.00 -16.44
CA LEU B 31 -14.25 15.39 -15.75
C LEU B 31 -14.89 14.23 -16.52
N VAL B 32 -14.81 14.17 -17.86
CA VAL B 32 -15.63 13.23 -18.62
C VAL B 32 -14.74 12.56 -19.64
N VAL B 33 -13.82 13.33 -20.22
CA VAL B 33 -13.03 12.91 -21.37
C VAL B 33 -11.70 12.33 -20.89
N GLU B 34 -11.48 11.04 -21.17
CA GLU B 34 -10.25 10.36 -20.77
C GLU B 34 -9.45 9.93 -21.99
N ALA B 35 -8.22 9.52 -21.73
CA ALA B 35 -7.31 9.13 -22.82
C ALA B 35 -7.90 7.98 -23.61
N THR B 36 -7.85 8.09 -24.94
CA THR B 36 -8.19 6.96 -25.80
C THR B 36 -7.05 6.55 -26.74
N THR B 37 -5.94 7.30 -26.77
CA THR B 37 -4.75 6.96 -27.53
C THR B 37 -3.55 6.88 -26.59
N GLU B 38 -2.48 6.24 -27.07
CA GLU B 38 -1.31 6.11 -26.21
C GLU B 38 -0.68 7.45 -25.91
N ALA B 39 -0.70 8.39 -26.87
CA ALA B 39 -0.16 9.71 -26.61
C ALA B 39 -0.93 10.42 -25.50
N GLU B 40 -2.27 10.33 -25.54
CA GLU B 40 -3.09 10.91 -24.48
C GLU B 40 -2.91 10.18 -23.15
N ALA B 41 -2.71 8.86 -23.18
CA ALA B 41 -2.55 8.11 -21.94
C ALA B 41 -1.33 8.54 -21.15
N LYS B 42 -0.32 9.13 -21.81
CA LYS B 42 0.89 9.54 -21.13
C LYS B 42 0.75 10.86 -20.39
N LYS B 43 -0.37 11.56 -20.55
CA LYS B 43 -0.59 12.84 -19.90
C LYS B 43 -0.92 12.62 -18.42
N SER B 44 -0.98 13.73 -17.69
CA SER B 44 -1.17 13.69 -16.24
C SER B 44 -2.57 13.19 -15.89
N LEU B 45 -2.75 12.82 -14.61
CA LEU B 45 -4.09 12.40 -14.18
C LEU B 45 -5.08 13.55 -14.30
N ARG B 46 -4.64 14.75 -13.94
CA ARG B 46 -5.48 15.94 -14.08
C ARG B 46 -6.04 16.07 -15.50
N GLU B 47 -5.22 15.75 -16.50
CA GLU B 47 -5.61 15.91 -17.90
C GLU B 47 -6.38 14.73 -18.47
N GLY B 48 -6.65 13.69 -17.67
CA GLY B 48 -7.34 12.54 -18.19
C GLY B 48 -6.45 11.42 -18.67
N GLY B 49 -5.15 11.50 -18.38
CA GLY B 49 -4.22 10.45 -18.72
C GLY B 49 -4.06 9.45 -17.59
N LEU B 50 -3.11 8.55 -17.78
CA LEU B 50 -2.92 7.42 -16.87
C LEU B 50 -1.61 7.47 -16.12
N VAL B 51 -0.81 8.52 -16.28
CA VAL B 51 0.53 8.54 -15.73
C VAL B 51 0.64 9.75 -14.82
N PRO B 52 0.86 9.57 -13.52
CA PRO B 52 0.92 10.73 -12.62
C PRO B 52 2.09 11.64 -13.00
N ALA B 53 1.81 12.95 -13.02
CA ALA B 53 2.89 13.91 -13.11
C ALA B 53 3.73 13.88 -11.84
N ALA B 54 4.90 14.54 -11.89
CA ALA B 54 5.81 14.45 -10.74
C ALA B 54 5.17 14.98 -9.46
N HIS B 55 4.19 15.86 -9.57
CA HIS B 55 3.50 16.46 -8.42
C HIS B 55 2.11 15.87 -8.19
N GLU B 56 1.80 14.70 -8.76
CA GLU B 56 0.56 14.00 -8.44
C GLU B 56 0.86 12.72 -7.68
N ILE B 57 0.20 12.52 -6.55
CA ILE B 57 0.32 11.30 -5.76
C ILE B 57 -1.04 10.63 -5.73
N MET B 58 -1.13 9.39 -6.20
CA MET B 58 -2.44 8.75 -6.13
C MET B 58 -2.72 8.17 -4.75
N ILE B 59 -3.98 8.21 -4.38
CA ILE B 59 -4.46 7.79 -3.05
C ILE B 59 -5.55 6.74 -3.25
N PRO B 60 -5.24 5.46 -3.09
CA PRO B 60 -6.30 4.43 -3.20
C PRO B 60 -7.13 4.36 -1.92
N VAL B 61 -8.46 4.37 -2.07
CA VAL B 61 -9.39 4.30 -0.93
C VAL B 61 -10.50 3.34 -1.33
N GLY B 62 -10.48 2.13 -0.78
CA GLY B 62 -11.45 1.14 -1.25
C GLY B 62 -11.26 0.90 -2.73
N ASN B 63 -12.35 0.98 -3.49
CA ASN B 63 -12.28 0.85 -4.94
CA ASN B 63 -12.29 0.85 -4.94
C ASN B 63 -12.11 2.18 -5.65
N MET B 64 -11.84 3.26 -4.91
CA MET B 64 -11.63 4.55 -5.55
C MET B 64 -10.13 4.86 -5.61
N ILE B 65 -9.76 5.72 -6.55
CA ILE B 65 -8.41 6.26 -6.63
C ILE B 65 -8.53 7.77 -6.75
N LEU B 66 -8.04 8.46 -5.73
CA LEU B 66 -7.97 9.91 -5.73
C LEU B 66 -6.54 10.35 -6.04
N ALA B 67 -6.33 11.66 -6.15
CA ALA B 67 -4.98 12.16 -6.37
C ALA B 67 -4.84 13.49 -5.68
N VAL B 68 -3.70 13.70 -5.01
CA VAL B 68 -3.35 15.01 -4.47
C VAL B 68 -2.33 15.64 -5.39
N ASP B 69 -2.55 16.90 -5.71
CA ASP B 69 -1.63 17.68 -6.52
C ASP B 69 -0.78 18.49 -5.55
N THR B 70 0.49 18.12 -5.41
CA THR B 70 1.30 18.74 -4.37
C THR B 70 1.73 20.16 -4.70
N GLN B 71 1.65 20.57 -5.97
CA GLN B 71 1.90 21.98 -6.30
C GLN B 71 0.75 22.86 -5.86
N VAL B 72 -0.48 22.45 -6.14
CA VAL B 72 -1.63 23.18 -5.63
C VAL B 72 -1.61 23.17 -4.12
N LEU B 73 -1.28 22.02 -3.52
CA LEU B 73 -1.24 21.91 -2.06
C LEU B 73 -0.29 22.96 -1.48
N ASP B 74 0.94 22.99 -1.97
CA ASP B 74 1.92 23.90 -1.37
C ASP B 74 1.68 25.36 -1.76
N LYS B 75 1.13 25.64 -2.94
CA LYS B 75 0.59 26.97 -3.23
C LYS B 75 -0.37 27.46 -2.15
N CYS B 76 -1.37 26.65 -1.82
CA CYS B 76 -2.34 27.04 -0.80
C CYS B 76 -1.70 27.13 0.57
N ALA B 77 -0.88 26.14 0.92
CA ALA B 77 -0.29 26.11 2.26
C ALA B 77 0.63 27.30 2.46
N LEU B 78 1.43 27.64 1.45
CA LEU B 78 2.31 28.78 1.58
C LEU B 78 1.54 30.09 1.69
N ALA B 79 0.49 30.26 0.86
CA ALA B 79 -0.35 31.44 0.97
C ALA B 79 -0.95 31.57 2.37
N LEU B 80 -1.41 30.46 2.95
CA LEU B 80 -1.91 30.48 4.33
C LEU B 80 -0.82 30.87 5.31
N ALA B 81 0.32 30.15 5.26
CA ALA B 81 1.35 30.32 6.28
C ALA B 81 2.00 31.70 6.19
N ALA B 82 2.03 32.30 5.01
CA ALA B 82 2.71 33.59 4.83
C ALA B 82 1.79 34.77 5.04
N SER B 83 0.48 34.52 5.15
CA SER B 83 -0.52 35.57 5.13
C SER B 83 -0.50 36.40 6.40
N ASP B 84 -0.76 37.71 6.26
CA ASP B 84 -1.02 38.57 7.41
C ASP B 84 -2.38 38.30 8.04
N ASP B 85 -3.30 37.67 7.30
CA ASP B 85 -4.66 37.36 7.77
C ASP B 85 -5.06 36.00 7.20
N PRO B 86 -4.52 34.91 7.76
CA PRO B 86 -4.76 33.60 7.16
C PRO B 86 -6.22 33.16 7.22
N GLY B 87 -6.97 33.56 8.25
CA GLY B 87 -8.38 33.25 8.28
C GLY B 87 -9.13 33.84 7.10
N ARG B 88 -8.79 35.08 6.73
CA ARG B 88 -9.42 35.71 5.58
C ARG B 88 -9.00 35.05 4.26
N TRP B 89 -7.70 34.75 4.10
CA TRP B 89 -7.29 34.06 2.88
C TRP B 89 -8.04 32.74 2.74
N PHE B 90 -8.14 31.98 3.83
CA PHE B 90 -8.89 30.73 3.80
C PHE B 90 -10.31 30.97 3.30
N ALA B 91 -11.03 31.89 3.94
CA ALA B 91 -12.42 32.15 3.57
C ALA B 91 -12.57 32.58 2.12
N GLU B 92 -11.60 33.31 1.59
CA GLU B 92 -11.70 33.80 0.22
C GLU B 92 -11.24 32.77 -0.83
N ASN B 93 -10.63 31.67 -0.42
CA ASN B 93 -10.05 30.73 -1.38
C ASN B 93 -10.46 29.29 -1.08
N GLU B 94 -11.64 29.09 -0.48
CA GLU B 94 -12.03 27.73 -0.09
C GLU B 94 -12.07 26.80 -1.30
N SER B 95 -12.62 27.27 -2.41
CA SER B 95 -12.72 26.45 -3.61
C SER B 95 -11.35 26.05 -4.14
N LEU B 96 -10.41 26.99 -4.18
CA LEU B 96 -9.05 26.66 -4.58
C LEU B 96 -8.44 25.62 -3.64
N ILE B 97 -8.60 25.83 -2.32
CA ILE B 97 -8.12 24.83 -1.36
C ILE B 97 -8.71 23.47 -1.67
N HIS B 98 -10.03 23.39 -1.86
CA HIS B 98 -10.67 22.10 -2.10
C HIS B 98 -10.15 21.43 -3.36
N SER B 99 -9.65 22.19 -4.35
CA SER B 99 -9.17 21.64 -5.62
C SER B 99 -7.83 20.89 -5.50
N THR B 100 -7.23 20.87 -4.32
CA THR B 100 -5.95 20.19 -4.11
C THR B 100 -6.05 18.68 -4.31
N VAL B 101 -7.22 18.10 -4.08
CA VAL B 101 -7.39 16.65 -4.20
C VAL B 101 -8.57 16.42 -5.14
N PHE B 102 -8.43 15.48 -6.07
CA PHE B 102 -9.46 15.24 -7.07
C PHE B 102 -9.50 13.75 -7.40
N ALA B 103 -10.53 13.35 -8.13
CA ALA B 103 -10.67 11.95 -8.54
C ALA B 103 -10.42 11.84 -10.03
N PRO B 104 -9.28 11.27 -10.46
CA PRO B 104 -8.97 11.21 -11.90
C PRO B 104 -10.04 10.49 -12.72
N VAL B 105 -10.22 10.95 -13.97
CA VAL B 105 -11.27 10.39 -14.81
C VAL B 105 -10.88 9.08 -15.50
N ALA B 106 -9.59 8.80 -15.69
CA ALA B 106 -9.19 7.66 -16.54
C ALA B 106 -9.54 6.32 -15.88
N LYS B 107 -10.14 5.41 -16.63
CA LYS B 107 -10.67 4.16 -16.07
C LYS B 107 -9.60 3.10 -15.79
N GLY B 108 -8.49 3.10 -16.52
CA GLY B 108 -7.59 1.97 -16.38
C GLY B 108 -6.62 1.98 -15.22
N LEU B 109 -6.78 2.91 -14.27
CA LEU B 109 -5.79 3.07 -13.21
C LEU B 109 -5.65 1.81 -12.35
N HIS B 110 -6.77 1.13 -12.05
CA HIS B 110 -6.68 -0.05 -11.19
C HIS B 110 -5.88 -1.16 -11.85
N ARG B 111 -6.00 -1.28 -13.17
CA ARG B 111 -5.21 -2.27 -13.90
C ARG B 111 -3.75 -1.87 -13.97
N VAL B 112 -3.48 -0.60 -14.31
CA VAL B 112 -2.11 -0.20 -14.57
C VAL B 112 -1.27 -0.20 -13.28
N TYR B 113 -1.90 0.08 -12.13
CA TYR B 113 -1.23 0.17 -10.83
C TYR B 113 -1.84 -0.86 -9.89
N PRO B 114 -1.46 -2.13 -10.03
CA PRO B 114 -2.17 -3.20 -9.30
C PRO B 114 -1.97 -3.12 -7.79
N LEU B 115 -3.08 -3.23 -7.05
CA LEU B 115 -3.08 -3.26 -5.58
C LEU B 115 -2.36 -2.04 -5.01
N LEU B 116 -2.63 -0.89 -5.63
CA LEU B 116 -1.95 0.35 -5.30
C LEU B 116 -2.01 0.68 -3.81
N SER B 117 -0.91 1.18 -3.30
CA SER B 117 -0.83 1.76 -1.95
C SER B 117 -0.15 3.12 -2.12
N VAL B 118 0.46 3.63 -1.04
CA VAL B 118 1.24 4.85 -1.05
C VAL B 118 2.58 4.53 -0.39
N ARG B 119 3.66 5.02 -0.98
CA ARG B 119 5.01 4.71 -0.54
C ARG B 119 5.20 5.18 0.91
N PRO B 120 5.68 4.32 1.85
CA PRO B 120 6.02 4.79 3.21
C PRO B 120 7.33 5.56 3.18
N GLU B 121 7.26 6.86 3.42
CA GLU B 121 8.45 7.71 3.45
C GLU B 121 8.40 8.65 4.65
N VAL B 122 9.57 9.08 5.11
CA VAL B 122 9.69 10.15 6.09
C VAL B 122 10.66 11.16 5.51
N PRO B 123 10.26 12.41 5.28
CA PRO B 123 11.17 13.36 4.62
C PRO B 123 12.33 13.74 5.52
N ALA B 124 13.46 14.06 4.89
CA ALA B 124 14.67 14.37 5.64
C ALA B 124 14.44 15.59 6.50
N GLY B 125 14.96 15.55 7.73
CA GLY B 125 14.81 16.67 8.63
C GLY B 125 13.45 16.83 9.26
N TYR B 126 12.63 15.79 9.22
CA TYR B 126 11.32 15.85 9.87
C TYR B 126 11.47 15.92 11.39
N GLU B 127 10.69 16.82 12.01
CA GLU B 127 10.59 16.92 13.46
C GLU B 127 9.14 17.17 13.85
N ALA B 128 8.77 16.73 15.04
CA ALA B 128 7.39 16.90 15.51
C ALA B 128 7.33 17.06 17.03
N SER B 129 6.54 18.04 17.48
CA SER B 129 6.13 18.16 18.87
C SER B 129 4.67 17.84 19.10
N TRP B 130 3.84 17.80 18.05
CA TRP B 130 2.40 17.61 18.08
C TRP B 130 2.02 16.45 17.16
N PRO B 131 1.05 15.59 17.57
CA PRO B 131 0.29 15.52 18.82
C PRO B 131 1.14 15.18 20.02
N THR B 132 2.23 14.45 19.80
CA THR B 132 3.19 14.10 20.85
C THR B 132 4.59 14.32 20.32
N GLN B 133 5.56 14.31 21.25
CA GLN B 133 6.94 14.56 20.87
C GLN B 133 7.45 13.43 19.99
N ASP B 134 8.06 13.78 18.85
CA ASP B 134 8.66 12.84 17.89
C ASP B 134 7.64 11.88 17.26
N HIS B 135 6.37 12.28 17.23
CA HIS B 135 5.32 11.51 16.55
C HIS B 135 5.70 11.27 15.08
N MET B 136 5.67 10.01 14.64
CA MET B 136 5.79 9.69 13.20
C MET B 136 4.80 10.52 12.39
N PRO B 137 5.20 11.03 11.22
CA PRO B 137 4.19 11.62 10.33
C PRO B 137 3.21 10.54 9.89
N GLY B 138 1.95 10.93 9.73
CA GLY B 138 0.90 9.99 9.42
C GLY B 138 -0.42 10.46 10.01
N LEU B 139 -1.37 9.54 10.11
CA LEU B 139 -2.61 9.83 10.82
C LEU B 139 -2.45 9.58 12.31
N HIS B 140 -3.15 10.40 13.13
CA HIS B 140 -3.37 10.07 14.52
C HIS B 140 -4.86 9.83 14.70
N LEU B 141 -5.24 8.57 14.89
CA LEU B 141 -6.64 8.19 14.95
C LEU B 141 -7.19 8.41 16.35
N VAL B 142 -8.42 8.89 16.41
CA VAL B 142 -9.18 9.02 17.64
C VAL B 142 -10.37 8.09 17.49
N VAL B 143 -10.36 6.98 18.23
CA VAL B 143 -11.25 5.86 17.96
C VAL B 143 -12.07 5.54 19.21
N GLY B 144 -13.18 4.85 18.98
CA GLY B 144 -14.10 4.54 20.05
C GLY B 144 -15.48 4.33 19.48
N GLY B 145 -16.37 3.81 20.32
CA GLY B 145 -17.68 3.44 19.86
C GLY B 145 -18.62 4.64 19.78
N THR B 146 -19.86 4.34 19.42
CA THR B 146 -20.87 5.37 19.30
C THR B 146 -21.11 6.04 20.65
N GLY B 147 -21.06 7.37 20.67
CA GLY B 147 -21.23 8.11 21.91
C GLY B 147 -20.04 8.09 22.84
N ALA B 148 -18.87 7.63 22.40
CA ALA B 148 -17.74 7.51 23.32
C ALA B 148 -17.11 8.85 23.67
N GLY B 149 -17.48 9.94 23.01
CA GLY B 149 -16.91 11.24 23.28
C GLY B 149 -15.78 11.68 22.36
N LYS B 150 -15.66 11.07 21.18
CA LYS B 150 -14.58 11.46 20.26
C LYS B 150 -14.71 12.89 19.79
N SER B 151 -15.92 13.28 19.35
CA SER B 151 -16.10 14.64 18.84
C SER B 151 -15.83 15.66 19.92
N SER B 152 -16.22 15.36 21.15
CA SER B 152 -15.97 16.28 22.25
C SER B 152 -14.50 16.31 22.63
N TYR B 153 -13.83 15.16 22.54
CA TYR B 153 -12.39 15.09 22.79
C TYR B 153 -11.62 16.07 21.90
N LEU B 154 -12.01 16.17 20.63
CA LEU B 154 -11.35 17.08 19.70
C LEU B 154 -11.45 18.51 20.18
N ALA B 155 -12.67 18.92 20.55
CA ALA B 155 -12.97 20.27 20.99
C ALA B 155 -12.23 20.65 22.24
N SER B 156 -11.49 19.71 22.85
CA SER B 156 -10.65 20.00 23.99
C SER B 156 -9.17 19.85 23.68
N GLN B 157 -8.79 19.36 22.51
CA GLN B 157 -7.40 19.41 22.11
C GLN B 157 -7.10 20.80 21.53
N ASP B 158 -5.82 21.11 21.47
CA ASP B 158 -5.36 22.44 21.06
C ASP B 158 -5.25 22.48 19.54
N LEU B 159 -6.40 22.37 18.88
CA LEU B 159 -6.47 22.26 17.43
C LEU B 159 -6.69 23.62 16.80
N THR B 160 -6.27 23.76 15.54
CA THR B 160 -6.60 24.96 14.80
C THR B 160 -8.00 24.89 14.22
N LEU B 161 -8.42 23.73 13.76
CA LEU B 161 -9.64 23.65 12.97
C LEU B 161 -10.10 22.19 12.97
N VAL B 162 -11.41 21.99 13.11
CA VAL B 162 -12.01 20.67 12.97
C VAL B 162 -12.80 20.69 11.67
N ILE B 163 -12.42 19.79 10.76
CA ILE B 163 -13.09 19.64 9.48
C ILE B 163 -14.23 18.65 9.70
N ARG B 164 -15.47 19.10 9.52
CA ARG B 164 -16.62 18.28 9.84
C ARG B 164 -17.14 17.64 8.56
N TRP B 165 -17.18 16.30 8.53
CA TRP B 165 -17.55 15.61 7.30
C TRP B 165 -18.33 14.34 7.65
N GLY B 166 -19.51 14.19 7.03
CA GLY B 166 -20.24 12.94 7.13
C GLY B 166 -20.95 12.69 8.44
N GLU B 167 -20.91 13.62 9.35
CA GLU B 167 -21.56 13.57 10.65
C GLU B 167 -22.81 14.44 10.64
N PRO B 168 -23.85 14.09 11.40
CA PRO B 168 -25.04 14.96 11.46
C PRO B 168 -24.70 16.27 12.13
N ALA B 169 -25.38 17.34 11.72
CA ALA B 169 -25.13 18.63 12.34
C ALA B 169 -25.38 18.52 13.85
N GLU B 170 -24.40 18.97 14.63
CA GLU B 170 -24.49 18.94 16.10
C GLU B 170 -24.05 20.30 16.63
N ARG B 171 -24.06 20.44 17.97
CA ARG B 171 -23.59 21.69 18.59
C ARG B 171 -22.19 22.05 18.11
N PHE B 172 -21.36 21.05 17.82
CA PHE B 172 -20.00 21.32 17.34
C PHE B 172 -19.99 22.22 16.12
N ASP B 173 -21.06 22.22 15.33
CA ASP B 173 -21.14 22.98 14.09
C ASP B 173 -21.65 24.40 14.29
N VAL B 174 -22.05 24.79 15.50
CA VAL B 174 -22.68 26.09 15.63
C VAL B 174 -21.71 27.10 16.23
N GLU B 175 -20.84 26.67 17.13
CA GLU B 175 -20.05 27.63 17.89
C GLU B 175 -18.54 27.47 17.79
N GLY B 176 -18.02 26.37 17.22
CA GLY B 176 -16.60 26.10 17.26
C GLY B 176 -15.83 26.58 16.03
N ALA B 177 -14.52 26.39 16.09
CA ALA B 177 -13.65 26.59 14.93
C ALA B 177 -13.76 25.33 14.07
N THR B 178 -14.73 25.34 13.16
CA THR B 178 -14.97 24.20 12.29
C THR B 178 -15.08 24.68 10.86
N HIS B 179 -14.96 23.72 9.95
CA HIS B 179 -15.17 23.94 8.53
C HIS B 179 -15.88 22.70 8.01
N ALA B 180 -17.12 22.86 7.53
CA ALA B 180 -17.92 21.72 7.07
C ALA B 180 -17.68 21.46 5.59
N VAL B 181 -17.47 20.18 5.24
CA VAL B 181 -17.23 19.77 3.86
C VAL B 181 -18.20 18.64 3.50
N SER B 182 -18.25 18.30 2.21
CA SER B 182 -19.21 17.31 1.67
C SER B 182 -18.61 16.00 1.19
N ASP B 183 -17.35 15.96 0.76
CA ASP B 183 -16.80 14.70 0.21
C ASP B 183 -15.36 14.50 0.65
N LEU B 184 -14.82 13.32 0.31
CA LEU B 184 -13.49 12.97 0.81
C LEU B 184 -12.39 13.82 0.19
N ASN B 185 -12.53 14.23 -1.08
CA ASN B 185 -11.58 15.17 -1.67
C ASN B 185 -11.44 16.41 -0.79
N GLU B 186 -12.58 17.05 -0.48
CA GLU B 186 -12.55 18.28 0.30
C GLU B 186 -11.97 18.07 1.69
N ALA B 187 -12.33 16.97 2.34
CA ALA B 187 -11.85 16.72 3.70
C ALA B 187 -10.32 16.57 3.71
N LEU B 188 -9.81 15.76 2.78
CA LEU B 188 -8.36 15.56 2.72
C LEU B 188 -7.65 16.84 2.28
N ALA B 189 -8.22 17.55 1.31
CA ALA B 189 -7.59 18.80 0.84
C ALA B 189 -7.39 19.78 1.99
N VAL B 190 -8.44 20.03 2.76
CA VAL B 190 -8.33 21.05 3.82
C VAL B 190 -7.36 20.60 4.89
N ALA B 191 -7.39 19.32 5.24
CA ALA B 191 -6.48 18.78 6.26
C ALA B 191 -5.03 18.89 5.78
N PHE B 192 -4.76 18.45 4.56
CA PHE B 192 -3.39 18.50 4.04
C PHE B 192 -2.85 19.93 4.00
N VAL B 193 -3.67 20.86 3.49
CA VAL B 193 -3.25 22.25 3.33
C VAL B 193 -2.99 22.88 4.68
N MET B 194 -3.90 22.65 5.63
CA MET B 194 -3.76 23.23 6.98
C MET B 194 -2.50 22.69 7.66
N ALA B 195 -2.28 21.38 7.59
CA ALA B 195 -1.11 20.82 8.26
C ALA B 195 0.18 21.25 7.56
N ARG B 196 0.19 21.34 6.23
CA ARG B 196 1.41 21.75 5.52
C ARG B 196 1.76 23.19 5.85
N ALA B 197 0.74 24.00 6.16
CA ALA B 197 0.93 25.39 6.55
C ALA B 197 1.41 25.53 7.98
N GLY B 198 1.47 24.44 8.74
CA GLY B 198 1.92 24.52 10.12
C GLY B 198 0.81 24.60 11.14
N TYR B 199 -0.44 24.43 10.72
CA TYR B 199 -1.57 24.41 11.65
C TYR B 199 -1.91 22.97 12.03
N ARG B 200 -2.91 22.83 12.92
CA ARG B 200 -3.23 21.52 13.49
C ARG B 200 -4.67 21.18 13.13
N PRO B 201 -4.89 20.32 12.13
CA PRO B 201 -6.26 19.99 11.73
C PRO B 201 -6.71 18.63 12.25
N ALA B 202 -8.02 18.47 12.41
CA ALA B 202 -8.61 17.16 12.64
C ALA B 202 -9.80 17.01 11.73
N ILE B 203 -10.09 15.77 11.34
CA ILE B 203 -11.27 15.46 10.54
C ILE B 203 -12.24 14.70 11.42
N ASP B 204 -13.46 15.21 11.58
CA ASP B 204 -14.45 14.49 12.36
C ASP B 204 -15.60 14.34 11.36
N SER B 205 -15.65 13.23 10.61
CA SER B 205 -14.89 12.01 10.87
C SER B 205 -14.74 11.17 9.58
N PHE B 206 -14.14 9.98 9.69
CA PHE B 206 -14.10 9.02 8.60
C PHE B 206 -15.32 8.09 8.59
N ARG B 207 -16.42 8.53 9.19
CA ARG B 207 -17.67 7.77 9.18
C ARG B 207 -18.00 7.21 7.79
N ASN B 208 -17.94 8.04 6.76
CA ASN B 208 -18.33 7.51 5.45
C ASN B 208 -17.31 6.57 4.83
N LEU B 209 -16.06 6.55 5.33
CA LEU B 209 -15.13 5.50 4.90
C LEU B 209 -15.51 4.18 5.53
N VAL B 210 -15.83 4.21 6.83
CA VAL B 210 -16.23 3.00 7.53
C VAL B 210 -17.46 2.41 6.86
N PHE B 211 -18.44 3.26 6.52
CA PHE B 211 -19.66 2.78 5.87
C PHE B 211 -19.39 2.38 4.42
N GLY B 212 -18.61 3.16 3.71
CA GLY B 212 -18.40 2.91 2.31
C GLY B 212 -17.50 1.81 1.88
N ILE B 213 -16.54 1.46 2.68
CA ILE B 213 -15.60 0.44 2.29
C ILE B 213 -16.00 -0.97 2.69
N GLU B 214 -15.97 -1.85 1.70
CA GLU B 214 -16.34 -3.25 1.85
C GLU B 214 -15.31 -4.20 1.24
N SER B 215 -14.96 -5.24 2.00
CA SER B 215 -14.00 -6.27 1.63
C SER B 215 -14.12 -7.47 2.56
N ALA B 216 -13.27 -8.46 2.36
CA ALA B 216 -13.23 -9.64 3.19
C ALA B 216 -13.02 -9.21 4.62
N ALA B 217 -13.85 -9.73 5.52
CA ALA B 217 -13.79 -9.36 6.94
C ALA B 217 -12.77 -10.21 7.70
N GLY B 218 -12.34 -9.69 8.86
CA GLY B 218 -11.35 -10.35 9.68
C GLY B 218 -11.62 -10.26 11.18
N GLY B 220 -12.92 -8.24 13.40
CA GLY B 220 -14.22 -8.32 14.04
C GLY B 220 -15.35 -7.82 13.17
N GLY B 221 -15.54 -8.47 12.03
CA GLY B 221 -16.50 -8.00 11.05
C GLY B 221 -16.05 -6.80 10.26
N ILE B 222 -14.82 -6.34 10.48
CA ILE B 222 -14.32 -5.13 9.84
C ILE B 222 -13.86 -5.46 8.42
N SER B 223 -14.40 -4.75 7.44
CA SER B 223 -13.87 -4.78 6.08
C SER B 223 -12.38 -4.48 6.13
N THR B 224 -11.55 -5.46 5.76
CA THR B 224 -10.12 -5.25 5.90
C THR B 224 -9.58 -4.16 4.96
N ALA B 225 -10.35 -3.77 3.95
CA ALA B 225 -9.91 -2.64 3.13
C ALA B 225 -9.96 -1.32 3.89
N LEU B 226 -10.66 -1.28 5.05
CA LEU B 226 -10.56 -0.09 5.89
C LEU B 226 -9.14 0.12 6.36
N TYR B 227 -8.45 -0.95 6.75
CA TYR B 227 -7.10 -0.82 7.24
C TYR B 227 -6.17 -0.29 6.15
N SER B 228 -6.32 -0.79 4.92
CA SER B 228 -5.45 -0.34 3.84
C SER B 228 -5.75 1.11 3.44
N ALA B 229 -7.01 1.52 3.52
CA ALA B 229 -7.32 2.93 3.25
C ALA B 229 -6.65 3.83 4.28
N MET B 230 -6.70 3.44 5.55
CA MET B 230 -6.05 4.27 6.55
C MET B 230 -4.54 4.29 6.36
N THR B 231 -3.94 3.17 5.97
CA THR B 231 -2.50 3.15 5.69
C THR B 231 -2.16 4.02 4.49
N ALA B 232 -2.96 3.95 3.42
CA ALA B 232 -2.72 4.81 2.24
C ALA B 232 -2.75 6.29 2.62
N ILE B 233 -3.81 6.73 3.28
CA ILE B 233 -3.90 8.14 3.69
C ILE B 233 -2.80 8.49 4.68
N ASN B 234 -2.54 7.57 5.64
CA ASN B 234 -1.42 7.75 6.56
C ASN B 234 -0.11 8.01 5.81
N ASN B 235 0.15 7.24 4.76
CA ASN B 235 1.43 7.41 4.06
C ASN B 235 1.45 8.64 3.16
N VAL B 236 0.30 9.17 2.74
CA VAL B 236 0.35 10.50 2.13
C VAL B 236 0.84 11.51 3.16
N CYS B 237 0.28 11.44 4.36
CA CYS B 237 0.74 12.31 5.44
C CYS B 237 2.21 12.12 5.72
N SER B 238 2.70 10.87 5.72
CA SER B 238 4.13 10.65 6.00
C SER B 238 5.00 11.26 4.91
N ARG B 239 4.61 11.09 3.63
CA ARG B 239 5.39 11.71 2.56
C ARG B 239 5.37 13.23 2.66
N LEU B 240 4.30 13.80 3.19
CA LEU B 240 4.15 15.24 3.35
C LEU B 240 4.73 15.75 4.67
N GLY B 241 5.23 14.87 5.54
CA GLY B 241 5.77 15.31 6.80
C GLY B 241 4.78 15.97 7.74
N ILE B 242 3.53 15.51 7.75
CA ILE B 242 2.48 16.11 8.57
C ILE B 242 1.83 15.03 9.42
N VAL B 243 1.09 15.47 10.44
CA VAL B 243 0.17 14.60 11.18
C VAL B 243 -1.23 15.21 11.07
N VAL B 244 -2.22 14.38 10.74
CA VAL B 244 -3.62 14.79 10.71
C VAL B 244 -4.38 13.91 11.71
N MET B 245 -5.12 14.55 12.62
CA MET B 245 -5.94 13.82 13.58
C MET B 245 -7.28 13.46 12.94
N VAL B 246 -7.73 12.22 13.14
CA VAL B 246 -8.94 11.77 12.46
C VAL B 246 -9.77 10.89 13.38
N VAL B 247 -11.06 11.22 13.50
CA VAL B 247 -12.00 10.43 14.29
C VAL B 247 -12.45 9.22 13.47
N VAL B 248 -12.44 8.03 14.06
CA VAL B 248 -12.93 6.85 13.35
C VAL B 248 -13.70 6.00 14.34
N ASN B 249 -14.98 5.76 14.07
CA ASN B 249 -15.76 4.80 14.82
C ASN B 249 -15.86 3.53 13.98
N PRO B 250 -15.07 2.49 14.25
CA PRO B 250 -15.04 1.32 13.37
C PRO B 250 -16.28 0.43 13.49
N MET B 251 -17.21 0.71 14.41
CA MET B 251 -18.46 -0.07 14.51
C MET B 251 -18.14 -1.51 14.92
N ALA B 252 -17.15 -1.68 15.78
CA ALA B 252 -16.79 -3.01 16.25
C ALA B 252 -17.73 -3.42 17.38
N THR B 253 -18.08 -4.70 17.39
CA THR B 253 -18.79 -5.25 18.53
C THR B 253 -17.90 -5.20 19.77
N GLU B 254 -18.53 -5.28 20.94
CA GLU B 254 -17.80 -5.23 22.21
C GLU B 254 -16.73 -6.31 22.30
N ALA B 255 -17.06 -7.53 21.90
CA ALA B 255 -16.09 -8.62 22.01
C ALA B 255 -14.86 -8.37 21.17
N LYS B 256 -15.04 -8.01 19.90
CA LYS B 256 -13.97 -7.95 18.91
C LYS B 256 -13.31 -6.55 18.84
N ALA B 257 -13.67 -5.61 19.75
CA ALA B 257 -13.13 -4.24 19.67
C ALA B 257 -11.64 -4.18 19.97
N GLU B 258 -11.16 -5.02 20.89
CA GLU B 258 -9.73 -5.01 21.21
C GLU B 258 -8.90 -5.39 19.99
N LEU B 259 -9.31 -6.43 19.28
CA LEU B 259 -8.58 -6.84 18.08
C LEU B 259 -8.67 -5.78 16.99
N VAL B 260 -9.87 -5.22 16.79
CA VAL B 260 -10.06 -4.21 15.75
C VAL B 260 -9.19 -3.00 16.02
N TYR B 261 -9.20 -2.50 17.26
CA TYR B 261 -8.36 -1.35 17.59
C TYR B 261 -6.88 -1.66 17.40
N ASN B 262 -6.47 -2.91 17.65
CA ASN B 262 -5.07 -3.25 17.46
C ASN B 262 -4.68 -3.19 15.99
N ASN B 263 -5.56 -3.69 15.11
CA ASN B 263 -5.31 -3.63 13.68
C ASN B 263 -5.35 -2.21 13.15
N MET B 264 -6.19 -1.36 13.73
CA MET B 264 -6.19 0.05 13.37
C MET B 264 -4.89 0.71 13.77
N ALA B 265 -4.42 0.44 14.99
CA ALA B 265 -3.15 1.03 15.43
C ALA B 265 -2.01 0.55 14.55
N ALA B 266 -2.06 -0.71 14.10
CA ALA B 266 -1.02 -1.24 13.24
C ALA B 266 -1.04 -0.65 11.83
N SER B 267 -2.07 0.14 11.49
CA SER B 267 -2.20 0.71 10.16
C SER B 267 -1.75 2.16 10.05
N VAL B 268 -1.42 2.83 11.17
CA VAL B 268 -1.23 4.28 11.21
C VAL B 268 -0.09 4.62 12.16
N ALA B 269 0.23 5.92 12.26
CA ALA B 269 1.30 6.41 13.12
C ALA B 269 0.90 6.42 14.60
N GLY B 270 -0.35 6.77 14.91
CA GLY B 270 -0.77 6.89 16.31
C GLY B 270 -2.26 6.71 16.47
N MET B 271 -2.65 6.34 17.69
CA MET B 271 -4.03 6.05 18.06
C MET B 271 -4.33 6.51 19.47
N THR B 272 -5.47 7.13 19.67
CA THR B 272 -6.01 7.41 21.00
C THR B 272 -7.38 6.75 21.07
N VAL B 273 -7.64 5.95 22.12
CA VAL B 273 -8.93 5.28 22.27
C VAL B 273 -9.74 6.00 23.34
N LEU B 274 -11.01 6.26 23.05
CA LEU B 274 -11.96 6.88 23.98
C LEU B 274 -12.99 5.85 24.43
N MET B 275 -13.24 5.82 25.74
CA MET B 275 -14.28 5.00 26.33
C MET B 275 -15.02 5.85 27.36
N ASP B 276 -16.29 6.11 27.11
CA ASP B 276 -17.13 6.88 28.05
C ASP B 276 -16.55 8.25 28.35
N GLY B 277 -16.10 8.93 27.29
CA GLY B 277 -15.57 10.28 27.45
C GLY B 277 -14.19 10.37 28.06
N ALA B 278 -13.51 9.26 28.30
CA ALA B 278 -12.16 9.30 28.86
C ALA B 278 -11.20 8.50 27.98
N VAL B 279 -9.95 8.96 27.94
CA VAL B 279 -8.91 8.23 27.22
C VAL B 279 -8.58 6.94 27.96
N SER B 280 -8.68 5.81 27.27
CA SER B 280 -8.36 4.52 27.86
C SER B 280 -7.04 3.94 27.39
N LYS B 281 -6.64 4.21 26.14
CA LYS B 281 -5.35 3.75 25.63
C LYS B 281 -4.83 4.78 24.65
N GLN B 282 -3.51 4.90 24.56
CA GLN B 282 -2.88 5.71 23.53
C GLN B 282 -1.56 5.06 23.13
N THR B 283 -1.33 4.95 21.83
CA THR B 283 -0.09 4.38 21.33
C THR B 283 0.37 5.19 20.12
N VAL B 284 1.66 5.52 20.09
CA VAL B 284 2.24 6.40 19.08
C VAL B 284 3.58 5.81 18.64
N ARG B 285 3.76 5.65 17.33
CA ARG B 285 5.06 5.32 16.78
C ARG B 285 5.89 6.59 16.76
N THR B 286 7.10 6.54 17.31
CA THR B 286 7.96 7.72 17.35
C THR B 286 9.20 7.49 16.51
N LEU B 287 9.81 8.60 16.10
CA LEU B 287 11.04 8.55 15.32
C LEU B 287 12.10 7.68 15.97
N SER B 288 12.13 7.65 17.31
CA SER B 288 13.02 6.75 18.00
C SER B 288 12.24 5.85 18.98
N GLY B 289 11.31 5.05 18.47
CA GLY B 289 10.67 4.02 19.29
C GLY B 289 9.20 3.81 18.91
N ARG B 290 8.40 3.45 19.92
CA ARG B 290 6.96 3.27 19.80
C ARG B 290 6.40 3.41 21.21
N THR B 291 5.56 4.42 21.44
CA THR B 291 4.95 4.61 22.75
C THR B 291 3.43 4.38 22.72
MG MG C . 5.24 -5.23 10.15
O11 PPV D . 5.45 -6.88 11.36
P1 PPV D . 4.66 -7.44 12.53
O21 PPV D . 4.58 -8.93 12.49
O31 PPV D . 5.36 -6.99 13.78
OPP PPV D . 3.13 -6.87 12.57
P2 PPV D . 2.29 -6.21 11.31
O12 PPV D . 3.21 -5.26 10.59
O22 PPV D . 1.14 -5.46 11.95
O32 PPV D . 1.77 -7.30 10.42
C1 PEG E . 25.19 -10.56 -11.74
O1 PEG E . 25.33 -11.96 -11.64
C2 PEG E . 24.74 -10.15 -13.14
O2 PEG E . 23.37 -10.42 -13.35
C3 PEG E . 23.13 -11.42 -14.32
C4 PEG E . 21.64 -11.70 -14.46
O4 PEG E . 21.47 -13.07 -14.74
C1 PEG F . 20.01 -16.62 -11.16
O1 PEG F . 20.70 -16.03 -10.09
C2 PEG F . 19.94 -18.13 -10.98
O2 PEG F . 19.76 -18.76 -12.22
C3 PEG F . 20.01 -20.13 -12.23
C4 PEG F . 21.41 -20.41 -12.79
O4 PEG F . 21.69 -21.78 -12.68
MG MG G . -19.09 12.31 17.05
O11 PPV H . -17.50 9.40 20.02
P1 PPV H . -18.64 10.32 19.64
O21 PPV H . -18.17 11.44 18.72
O31 PPV H . -19.29 10.95 20.87
OPP PPV H . -19.78 9.38 18.91
P2 PPV H . -20.06 9.16 17.30
O12 PPV H . -18.97 8.29 16.74
O22 PPV H . -20.20 10.51 16.61
O32 PPV H . -21.39 8.44 17.15
C1 PEG I . -5.43 30.05 11.17
O1 PEG I . -5.97 31.07 11.95
C2 PEG I . -5.98 30.13 9.75
O2 PEG I . -7.02 29.19 9.62
C3 PEG I . -7.97 29.49 8.65
C4 PEG I . -9.17 28.57 8.83
O4 PEG I . -10.36 29.33 8.82
C1 PEG J . 5.67 33.40 8.85
O1 PEG J . 4.52 32.79 9.37
C2 PEG J . 5.31 34.60 7.98
O2 PEG J . 5.17 35.75 8.77
C3 PEG J . 4.09 36.59 8.43
C4 PEG J . 2.85 36.23 9.25
O4 PEG J . 2.33 34.99 8.83
#